data_6BDJ
#
_entry.id   6BDJ
#
_cell.length_a   61.091
_cell.length_b   45.415
_cell.length_c   83.040
_cell.angle_alpha   90.00
_cell.angle_beta   94.29
_cell.angle_gamma   90.00
#
_symmetry.space_group_name_H-M   'P 1 2 1'
#
loop_
_entity.id
_entity.type
_entity.pdbx_description
1 polymer Tetur07g02040
2 non-polymer 'FE (III) ION'
3 water water
#
_entity_poly.entity_id   1
_entity_poly.type   'polypeptide(L)'
_entity_poly.pdbx_seq_one_letter_code
;NSCASKEEVVPSPEEGQCSQESVKQSFVTRFTECSLSPEVGEGPYFIEEDIIRSNIVEDRIGIRLNVTLNLVDFNTCKPI
KGAKVYIWQPDYSGIYSGFMDKPRVKREKMYPKDPRRFLRGTQVTNENGTVTFETLFPGHYPGRTPHIHYRIHANGNVAH
IGQIFFDESTSQVIQSKSPYNQVHSRRMKNEEDGEFTYFNGKKSIINIDPQSLSGDSLEGILNLAINPLHRSNLMWAAGE
NLYFQ
;
_entity_poly.pdbx_strand_id   A,U
#
loop_
_chem_comp.id
_chem_comp.type
_chem_comp.name
_chem_comp.formula
FE non-polymer 'FE (III) ION' 'Fe 3'
#
# COMPACT_ATOMS: atom_id res chain seq x y z
N CYS A 34 -4.02 -10.37 -30.24
CA CYS A 34 -2.54 -10.61 -30.39
C CYS A 34 -1.93 -9.77 -31.54
N SER A 35 -1.96 -8.47 -31.30
CA SER A 35 -1.12 -7.53 -31.99
C SER A 35 -0.48 -6.63 -30.93
N LEU A 36 0.76 -6.24 -31.20
CA LEU A 36 1.56 -5.51 -30.25
C LEU A 36 0.83 -4.25 -29.79
N SER A 37 0.53 -4.17 -28.50
CA SER A 37 -0.09 -2.98 -27.94
C SER A 37 0.81 -1.77 -28.14
N PRO A 38 0.20 -0.60 -28.31
CA PRO A 38 1.02 0.57 -28.46
C PRO A 38 1.61 1.02 -27.11
N GLU A 39 2.75 1.67 -27.17
CA GLU A 39 3.35 2.34 -26.06
C GLU A 39 3.03 3.81 -26.10
N VAL A 40 3.08 4.45 -24.94
CA VAL A 40 2.76 5.89 -24.81
C VAL A 40 3.70 6.41 -23.75
N GLY A 41 4.10 7.68 -23.88
CA GLY A 41 5.06 8.29 -22.96
C GLY A 41 4.61 8.17 -21.49
N GLU A 42 5.59 8.01 -20.61
CA GLU A 42 5.36 7.83 -19.18
C GLU A 42 4.75 9.05 -18.52
N GLY A 43 5.07 10.22 -19.07
CA GLY A 43 4.84 11.48 -18.39
C GLY A 43 5.75 11.59 -17.17
N PRO A 44 5.58 12.68 -16.41
CA PRO A 44 6.52 13.03 -15.33
C PRO A 44 6.27 12.46 -13.95
N TYR A 45 5.18 11.72 -13.76
CA TYR A 45 4.77 11.37 -12.40
C TYR A 45 4.90 9.92 -11.98
N PHE A 46 5.71 9.14 -12.69
CA PHE A 46 6.00 7.77 -12.22
C PHE A 46 6.82 7.85 -10.97
N ILE A 47 6.50 6.96 -10.02
CA ILE A 47 7.26 6.80 -8.78
C ILE A 47 7.56 5.32 -8.67
N GLU A 48 8.85 5.02 -8.76
CA GLU A 48 9.29 3.66 -8.85
C GLU A 48 9.41 3.06 -7.45
N GLU A 49 8.30 2.53 -6.97
CA GLU A 49 8.17 1.93 -5.64
C GLU A 49 7.26 0.74 -5.72
N ASP A 50 7.66 -0.34 -5.04
CA ASP A 50 6.82 -1.51 -4.85
C ASP A 50 5.78 -1.15 -3.78
N ILE A 51 4.55 -0.90 -4.25
CA ILE A 51 3.40 -0.74 -3.42
C ILE A 51 2.42 -1.77 -3.93
N ILE A 52 2.63 -2.99 -3.48
CA ILE A 52 2.00 -4.13 -4.07
C ILE A 52 0.69 -4.38 -3.37
N ARG A 53 -0.39 -3.97 -4.02
CA ARG A 53 -1.73 -4.05 -3.46
C ARG A 53 -2.72 -3.93 -4.58
N SER A 54 -3.90 -4.48 -4.37
CA SER A 54 -4.96 -4.37 -5.34
C SER A 54 -5.78 -3.08 -5.18
N ASN A 55 -6.11 -2.71 -3.95
CA ASN A 55 -6.90 -1.49 -3.74
C ASN A 55 -5.98 -0.30 -3.50
N ILE A 56 -6.05 0.69 -4.39
CA ILE A 56 -5.14 1.83 -4.42
C ILE A 56 -5.84 3.13 -4.07
N VAL A 57 -7.08 3.05 -3.62
CA VAL A 57 -7.94 4.24 -3.43
C VAL A 57 -7.50 5.12 -2.28
N GLU A 58 -7.17 4.51 -1.14
CA GLU A 58 -6.82 5.23 0.08
C GLU A 58 -8.02 6.12 0.45
N ASP A 59 -7.81 7.42 0.59
CA ASP A 59 -8.82 8.39 0.99
C ASP A 59 -9.49 9.11 -0.19
N ARG A 60 -9.19 8.73 -1.42
CA ARG A 60 -9.69 9.45 -2.56
C ARG A 60 -11.16 9.16 -2.79
N ILE A 61 -11.86 10.15 -3.33
CA ILE A 61 -13.30 10.07 -3.53
C ILE A 61 -13.54 10.01 -5.03
N GLY A 62 -14.49 9.19 -5.45
CA GLY A 62 -14.90 9.13 -6.84
C GLY A 62 -15.77 7.92 -7.06
N ILE A 63 -15.78 7.42 -8.30
CA ILE A 63 -16.60 6.29 -8.65
C ILE A 63 -15.69 5.09 -8.79
N ARG A 64 -16.05 4.02 -8.11
CA ARG A 64 -15.25 2.83 -8.06
C ARG A 64 -15.12 2.18 -9.43
N LEU A 65 -13.87 1.85 -9.80
CA LEU A 65 -13.56 1.19 -11.06
C LEU A 65 -12.59 0.07 -10.76
N ASN A 66 -12.94 -1.15 -11.16
CA ASN A 66 -12.02 -2.28 -11.17
C ASN A 66 -11.37 -2.43 -12.53
N VAL A 67 -10.05 -2.36 -12.55
CA VAL A 67 -9.28 -2.43 -13.78
C VAL A 67 -8.61 -3.80 -13.85
N THR A 68 -9.00 -4.61 -14.83
CA THR A 68 -8.38 -5.91 -15.06
C THR A 68 -7.59 -5.81 -16.35
N LEU A 69 -6.29 -6.12 -16.27
CA LEU A 69 -5.41 -6.16 -17.43
C LEU A 69 -4.97 -7.58 -17.66
N ASN A 70 -5.08 -8.04 -18.91
CA ASN A 70 -4.66 -9.39 -19.29
C ASN A 70 -3.46 -9.25 -20.23
N LEU A 71 -2.29 -9.73 -19.81
CA LEU A 71 -1.05 -9.60 -20.56
C LEU A 71 -0.77 -10.91 -21.29
N VAL A 72 -0.47 -10.78 -22.60
CA VAL A 72 0.11 -11.89 -23.38
C VAL A 72 1.43 -11.48 -24.00
N ASP A 73 2.31 -12.46 -24.22
CA ASP A 73 3.54 -12.24 -24.99
C ASP A 73 3.13 -12.10 -26.45
N PHE A 74 3.56 -10.98 -27.05
CA PHE A 74 3.33 -10.64 -28.45
C PHE A 74 3.76 -11.75 -29.42
N ASN A 75 4.89 -12.35 -29.10
CA ASN A 75 5.53 -13.36 -29.94
C ASN A 75 4.75 -14.67 -29.98
N THR A 76 4.32 -15.14 -28.83
CA THR A 76 3.62 -16.43 -28.68
C THR A 76 2.10 -16.35 -28.49
N CYS A 77 1.60 -15.15 -28.16
CA CYS A 77 0.20 -14.95 -27.74
C CYS A 77 -0.19 -15.65 -26.41
N LYS A 78 0.78 -16.27 -25.72
CA LYS A 78 0.55 -16.97 -24.46
C LYS A 78 0.60 -15.94 -23.33
N PRO A 79 -0.13 -16.19 -22.22
CA PRO A 79 -0.07 -15.23 -21.10
C PRO A 79 1.32 -15.13 -20.48
N ILE A 80 1.63 -13.96 -19.95
CA ILE A 80 2.91 -13.71 -19.30
C ILE A 80 2.71 -13.74 -17.81
N LYS A 81 3.49 -14.59 -17.15
CA LYS A 81 3.42 -14.81 -15.73
C LYS A 81 4.59 -14.09 -15.06
N GLY A 82 4.35 -13.58 -13.84
CA GLY A 82 5.41 -12.91 -13.06
C GLY A 82 5.76 -11.47 -13.39
N ALA A 83 5.06 -10.86 -14.36
CA ALA A 83 5.34 -9.48 -14.74
C ALA A 83 4.77 -8.51 -13.69
N LYS A 84 5.56 -7.52 -13.28
CA LYS A 84 5.10 -6.48 -12.37
C LYS A 84 4.39 -5.42 -13.18
N VAL A 85 3.12 -5.17 -12.86
CA VAL A 85 2.36 -4.08 -13.50
C VAL A 85 2.15 -2.96 -12.50
N TYR A 86 2.63 -1.79 -12.86
CA TYR A 86 2.36 -0.58 -12.12
C TYR A 86 1.27 0.24 -12.79
N ILE A 87 0.34 0.77 -12.02
CA ILE A 87 -0.51 1.86 -12.50
C ILE A 87 -0.40 3.06 -11.61
N TRP A 88 -0.67 4.22 -12.21
CA TRP A 88 -0.81 5.45 -11.47
C TRP A 88 -1.70 6.39 -12.25
N GLN A 89 -2.41 7.21 -11.50
CA GLN A 89 -3.45 8.05 -12.08
C GLN A 89 -3.73 9.23 -11.15
N PRO A 90 -4.32 10.29 -11.68
CA PRO A 90 -4.72 11.38 -10.79
C PRO A 90 -6.05 11.16 -10.11
N ASP A 91 -6.27 11.82 -8.98
CA ASP A 91 -7.58 11.81 -8.32
C ASP A 91 -8.61 12.63 -9.11
N TYR A 92 -9.86 12.66 -8.64
CA TYR A 92 -10.95 13.33 -9.35
C TYR A 92 -10.66 14.77 -9.77
N SER A 93 -9.87 15.51 -9.01
CA SER A 93 -9.55 16.90 -9.35
C SER A 93 -8.22 17.06 -10.08
N GLY A 94 -7.63 15.94 -10.50
CA GLY A 94 -6.41 15.94 -11.30
C GLY A 94 -5.07 15.98 -10.59
N ILE A 95 -5.05 15.60 -9.31
CA ILE A 95 -3.83 15.62 -8.51
C ILE A 95 -3.19 14.23 -8.49
N TYR A 96 -1.87 14.20 -8.66
CA TYR A 96 -1.08 13.00 -8.52
C TYR A 96 -0.43 12.98 -7.15
N SER A 97 -0.55 11.84 -6.47
CA SER A 97 0.11 11.62 -5.18
C SER A 97 1.61 11.69 -5.36
N GLY A 98 2.27 12.35 -4.40
CA GLY A 98 3.66 12.68 -4.54
C GLY A 98 3.95 14.02 -5.18
N PHE A 99 3.02 14.52 -5.96
CA PHE A 99 3.14 15.83 -6.64
C PHE A 99 1.91 16.66 -6.33
N MET A 100 1.45 16.61 -5.08
CA MET A 100 0.23 17.27 -4.66
C MET A 100 0.29 18.79 -4.67
N ASP A 101 1.50 19.37 -4.64
CA ASP A 101 1.70 20.78 -4.75
C ASP A 101 1.77 21.23 -6.22
N LYS A 102 1.38 20.35 -7.15
CA LYS A 102 1.37 20.61 -8.60
C LYS A 102 2.58 21.42 -9.08
N PRO A 103 3.80 20.87 -8.92
CA PRO A 103 5.02 21.63 -9.23
C PRO A 103 5.24 21.81 -10.74
N ARG A 104 6.21 22.65 -11.05
CA ARG A 104 6.69 22.86 -12.43
C ARG A 104 7.33 21.55 -12.91
N VAL A 105 7.03 21.23 -14.17
CA VAL A 105 7.51 20.01 -14.83
C VAL A 105 8.86 20.29 -15.52
N LYS A 106 9.76 19.32 -15.50
CA LYS A 106 11.08 19.52 -16.08
C LYS A 106 11.59 18.26 -16.73
N ARG A 107 12.40 18.43 -17.78
CA ARG A 107 12.98 17.29 -18.51
C ARG A 107 13.88 16.45 -17.60
N GLU A 108 14.60 17.11 -16.70
CA GLU A 108 15.41 16.44 -15.69
C GLU A 108 14.52 15.63 -14.76
N LYS A 109 15.12 14.65 -14.11
CA LYS A 109 14.41 13.71 -13.23
C LYS A 109 13.55 14.40 -12.18
N MET A 110 12.28 14.02 -12.15
CA MET A 110 11.29 14.60 -11.26
C MET A 110 11.23 13.80 -9.97
N TYR A 111 11.30 14.52 -8.84
CA TYR A 111 11.23 13.89 -7.52
C TYR A 111 10.01 14.33 -6.70
N PRO A 112 9.23 13.37 -6.17
CA PRO A 112 8.04 13.67 -5.38
C PRO A 112 8.39 14.39 -4.08
N LYS A 113 7.53 15.31 -3.64
CA LYS A 113 7.82 16.12 -2.45
C LYS A 113 7.02 15.63 -1.25
N ASP A 114 5.77 15.26 -1.47
CA ASP A 114 4.95 14.66 -0.42
C ASP A 114 5.04 13.12 -0.39
N PRO A 115 4.78 12.51 0.76
CA PRO A 115 4.88 11.06 0.86
C PRO A 115 3.61 10.30 0.49
N ARG A 116 2.55 10.97 0.07
CA ARG A 116 1.32 10.28 -0.31
C ARG A 116 1.53 9.46 -1.60
N ARG A 117 0.85 8.34 -1.66
CA ARG A 117 0.91 7.39 -2.70
C ARG A 117 -0.45 6.86 -3.09
N PHE A 118 -1.49 7.61 -2.81
CA PHE A 118 -2.80 7.21 -3.26
C PHE A 118 -2.81 7.08 -4.78
N LEU A 119 -3.68 6.19 -5.22
CA LEU A 119 -3.90 5.92 -6.61
C LEU A 119 -2.64 5.47 -7.37
N ARG A 120 -1.79 4.74 -6.65
CA ARG A 120 -0.66 4.08 -7.21
C ARG A 120 -0.65 2.69 -6.72
N GLY A 121 -0.35 1.74 -7.60
CA GLY A 121 -0.10 0.38 -7.10
C GLY A 121 0.58 -0.50 -8.10
N THR A 122 1.04 -1.65 -7.60
CA THR A 122 1.69 -2.67 -8.37
C THR A 122 1.00 -3.98 -8.13
N GLN A 123 0.81 -4.77 -9.19
CA GLN A 123 0.39 -6.18 -9.03
C GLN A 123 1.20 -7.08 -9.98
N VAL A 124 1.42 -8.32 -9.57
CA VAL A 124 2.23 -9.27 -10.28
C VAL A 124 1.23 -10.14 -11.01
N THR A 125 1.44 -10.35 -12.32
CA THR A 125 0.56 -11.21 -13.12
C THR A 125 0.57 -12.65 -12.60
N ASN A 126 -0.59 -13.30 -12.67
CA ASN A 126 -0.77 -14.71 -12.28
C ASN A 126 -0.48 -15.66 -13.45
N GLU A 127 -0.83 -16.93 -13.33
CA GLU A 127 -0.60 -17.94 -14.40
C GLU A 127 -1.29 -17.49 -15.67
N ASN A 128 -2.49 -16.92 -15.50
CA ASN A 128 -3.32 -16.46 -16.61
C ASN A 128 -2.92 -15.10 -17.23
N GLY A 129 -1.82 -14.49 -16.78
CA GLY A 129 -1.38 -13.17 -17.30
C GLY A 129 -2.23 -11.99 -16.84
N THR A 130 -2.93 -12.15 -15.72
CA THR A 130 -3.94 -11.20 -15.25
C THR A 130 -3.53 -10.50 -13.94
N VAL A 131 -3.80 -9.19 -13.86
CA VAL A 131 -3.85 -8.41 -12.60
C VAL A 131 -5.17 -7.64 -12.53
N THR A 132 -5.62 -7.35 -11.33
CA THR A 132 -6.81 -6.54 -11.12
C THR A 132 -6.51 -5.51 -10.06
N PHE A 133 -6.89 -4.27 -10.36
CA PHE A 133 -6.76 -3.18 -9.41
C PHE A 133 -8.15 -2.64 -9.05
N GLU A 134 -8.33 -2.26 -7.80
CA GLU A 134 -9.54 -1.57 -7.35
C GLU A 134 -9.17 -0.11 -7.24
N THR A 135 -9.69 0.70 -8.15
CA THR A 135 -9.31 2.08 -8.25
C THR A 135 -10.54 2.94 -8.41
N LEU A 136 -10.34 4.17 -8.86
CA LEU A 136 -11.45 5.04 -9.17
C LEU A 136 -11.34 5.44 -10.62
N PHE A 137 -12.46 5.84 -11.21
CA PHE A 137 -12.38 6.53 -12.48
C PHE A 137 -11.48 7.79 -12.30
N PRO A 138 -10.47 7.98 -13.17
CA PRO A 138 -9.52 9.06 -12.99
C PRO A 138 -10.12 10.42 -13.28
N GLY A 139 -9.63 11.43 -12.59
CA GLY A 139 -9.87 12.81 -12.99
C GLY A 139 -8.89 13.11 -14.12
N HIS A 140 -8.66 14.38 -14.38
CA HIS A 140 -7.66 14.72 -15.36
C HIS A 140 -7.17 16.08 -15.15
N TYR A 141 -6.05 16.32 -15.82
N TYR A 141 -6.00 16.35 -15.74
CA TYR A 141 -5.39 17.59 -15.86
CA TYR A 141 -5.48 17.69 -15.70
C TYR A 141 -6.03 18.49 -16.90
C TYR A 141 -6.00 18.49 -16.89
N PRO A 142 -5.51 19.76 -17.02
CA PRO A 142 -5.87 20.64 -18.11
C PRO A 142 -4.85 20.38 -19.21
N GLY A 143 -5.32 20.25 -20.44
CA GLY A 143 -4.40 19.92 -21.53
C GLY A 143 -4.15 18.43 -21.67
N ARG A 144 -4.98 17.63 -21.01
CA ARG A 144 -4.93 16.17 -21.11
C ARG A 144 -6.31 15.58 -20.98
N THR A 145 -6.52 14.50 -21.71
CA THR A 145 -7.74 13.73 -21.64
C THR A 145 -7.59 12.73 -20.48
N PRO A 146 -8.73 12.24 -19.93
CA PRO A 146 -8.60 11.35 -18.76
C PRO A 146 -7.90 10.05 -19.13
N HIS A 147 -7.04 9.58 -18.24
CA HIS A 147 -6.32 8.35 -18.49
C HIS A 147 -5.72 7.79 -17.22
N ILE A 148 -5.30 6.53 -17.33
CA ILE A 148 -4.52 5.86 -16.30
C ILE A 148 -3.23 5.41 -16.93
N HIS A 149 -2.11 5.72 -16.29
CA HIS A 149 -0.85 5.22 -16.74
C HIS A 149 -0.57 3.82 -16.28
N TYR A 150 0.31 3.14 -17.01
CA TYR A 150 0.77 1.81 -16.62
C TYR A 150 2.16 1.57 -17.16
N ARG A 151 2.93 0.78 -16.41
CA ARG A 151 4.27 0.43 -16.76
C ARG A 151 4.52 -0.98 -16.30
N ILE A 152 5.15 -1.78 -17.16
CA ILE A 152 5.33 -3.23 -16.94
C ILE A 152 6.79 -3.61 -16.92
N HIS A 153 7.19 -4.30 -15.86
CA HIS A 153 8.52 -4.86 -15.76
C HIS A 153 8.41 -6.35 -15.92
N ALA A 154 9.25 -6.92 -16.78
CA ALA A 154 9.41 -8.37 -16.90
C ALA A 154 10.88 -8.63 -17.08
N ASN A 155 11.38 -9.66 -16.39
CA ASN A 155 12.81 -10.06 -16.49
C ASN A 155 13.77 -8.94 -16.07
N GLY A 156 13.35 -8.10 -15.12
CA GLY A 156 14.10 -6.89 -14.77
C GLY A 156 14.31 -5.85 -15.88
N ASN A 157 13.48 -5.92 -16.93
CA ASN A 157 13.49 -4.90 -17.98
C ASN A 157 12.17 -4.16 -17.89
N VAL A 158 12.23 -2.87 -18.22
CA VAL A 158 11.05 -2.07 -18.42
C VAL A 158 10.55 -2.46 -19.80
N ALA A 159 9.56 -3.34 -19.85
CA ALA A 159 9.13 -3.94 -21.09
C ALA A 159 8.16 -3.09 -21.89
N HIS A 160 7.34 -2.29 -21.20
CA HIS A 160 6.24 -1.58 -21.84
C HIS A 160 5.68 -0.51 -20.93
N ILE A 161 5.47 0.67 -21.49
CA ILE A 161 4.89 1.81 -20.79
C ILE A 161 3.75 2.30 -21.67
N GLY A 162 2.62 2.59 -21.06
CA GLY A 162 1.48 3.06 -21.81
C GLY A 162 0.50 3.84 -20.99
N GLN A 163 -0.64 4.06 -21.62
CA GLN A 163 -1.74 4.80 -21.05
C GLN A 163 -3.03 4.15 -21.46
N ILE A 164 -3.96 4.10 -20.51
CA ILE A 164 -5.28 3.54 -20.67
C ILE A 164 -6.24 4.69 -20.89
N PHE A 165 -7.03 4.62 -21.95
CA PHE A 165 -8.03 5.63 -22.27
C PHE A 165 -9.43 5.06 -22.10
N PHE A 166 -10.41 5.96 -22.12
CA PHE A 166 -11.83 5.60 -21.93
C PHE A 166 -12.64 5.98 -23.15
N ASP A 167 -13.68 5.18 -23.41
CA ASP A 167 -14.56 5.48 -24.55
C ASP A 167 -15.31 6.76 -24.24
N GLU A 168 -15.53 7.57 -25.28
CA GLU A 168 -16.00 8.95 -25.11
C GLU A 168 -17.36 9.01 -24.42
N SER A 169 -18.22 8.05 -24.76
CA SER A 169 -19.56 7.99 -24.22
C SER A 169 -19.53 7.74 -22.71
N THR A 170 -18.73 6.76 -22.29
CA THR A 170 -18.59 6.43 -20.86
C THR A 170 -17.98 7.58 -20.09
N SER A 171 -16.86 8.10 -20.61
CA SER A 171 -16.21 9.26 -19.99
C SER A 171 -17.19 10.40 -19.78
N GLN A 172 -18.03 10.65 -20.78
CA GLN A 172 -19.04 11.72 -20.68
C GLN A 172 -20.04 11.47 -19.57
N VAL A 173 -20.50 10.23 -19.47
CA VAL A 173 -21.44 9.84 -18.41
C VAL A 173 -20.82 10.04 -17.04
N ILE A 174 -19.60 9.53 -16.86
CA ILE A 174 -18.95 9.63 -15.55
C ILE A 174 -18.61 11.07 -15.17
N GLN A 175 -18.22 11.88 -16.13
CA GLN A 175 -17.88 13.28 -15.86
C GLN A 175 -19.12 14.11 -15.48
N SER A 176 -20.31 13.65 -15.85
CA SER A 176 -21.53 14.31 -15.40
C SER A 176 -21.94 13.97 -13.95
N LYS A 177 -21.28 13.00 -13.32
CA LYS A 177 -21.60 12.65 -11.95
C LYS A 177 -20.62 13.30 -10.96
N SER A 178 -21.10 13.46 -9.74
CA SER A 178 -20.30 13.92 -8.63
C SER A 178 -19.26 12.84 -8.30
N PRO A 179 -18.05 13.22 -7.91
CA PRO A 179 -17.52 14.58 -7.83
C PRO A 179 -16.83 15.08 -9.09
N TYR A 180 -16.92 14.32 -10.18
CA TYR A 180 -16.13 14.65 -11.39
C TYR A 180 -16.62 15.95 -12.00
N ASN A 181 -17.91 16.23 -11.81
CA ASN A 181 -18.55 17.41 -12.35
C ASN A 181 -18.28 18.69 -11.58
N GLN A 182 -17.44 18.63 -10.54
CA GLN A 182 -17.16 19.83 -9.74
C GLN A 182 -15.95 20.68 -10.14
N VAL A 183 -15.01 20.22 -10.98
CA VAL A 183 -14.04 21.16 -11.58
C VAL A 183 -14.40 21.39 -13.03
N ARG A 187 -12.33 19.98 -20.15
CA ARG A 187 -11.95 18.61 -20.52
C ARG A 187 -11.46 18.54 -21.96
N MET A 188 -10.15 18.36 -22.11
CA MET A 188 -9.56 18.20 -23.44
C MET A 188 -10.06 16.90 -24.04
N LYS A 189 -10.50 16.97 -25.30
CA LYS A 189 -10.96 15.80 -26.05
C LYS A 189 -9.85 14.82 -26.36
N ASN A 190 -10.18 13.53 -26.43
CA ASN A 190 -9.22 12.50 -26.88
C ASN A 190 -8.44 12.91 -28.14
N GLU A 191 -9.18 13.41 -29.12
CA GLU A 191 -8.66 13.81 -30.43
C GLU A 191 -7.85 15.12 -30.39
N GLU A 192 -8.00 15.88 -29.31
CA GLU A 192 -7.20 17.08 -29.09
C GLU A 192 -5.88 16.76 -28.39
N ASP A 193 -5.84 15.57 -27.75
CA ASP A 193 -4.70 15.14 -26.96
C ASP A 193 -3.52 14.68 -27.81
N GLY A 194 -2.35 15.30 -27.57
CA GLY A 194 -1.14 14.99 -28.32
C GLY A 194 -0.79 13.51 -28.20
N GLU A 195 -0.79 13.02 -26.95
CA GLU A 195 -0.41 11.65 -26.67
C GLU A 195 -1.37 10.63 -27.31
N PHE A 196 -2.68 10.84 -27.17
CA PHE A 196 -3.68 9.91 -27.72
C PHE A 196 -3.50 9.82 -29.24
N THR A 197 -3.38 10.99 -29.87
CA THR A 197 -3.22 11.08 -31.31
C THR A 197 -1.91 10.47 -31.79
N TYR A 198 -0.79 10.95 -31.24
CA TYR A 198 0.50 10.50 -31.72
C TYR A 198 0.78 9.04 -31.46
N PHE A 199 0.33 8.51 -30.32
CA PHE A 199 0.71 7.14 -29.89
C PHE A 199 -0.46 6.13 -29.92
N ASN A 200 -1.41 6.29 -30.84
CA ASN A 200 -2.47 5.29 -31.08
C ASN A 200 -3.33 4.96 -29.89
N GLY A 201 -3.80 5.99 -29.17
CA GLY A 201 -4.70 5.78 -28.05
C GLY A 201 -5.95 4.94 -28.33
N LYS A 202 -6.40 5.01 -29.58
CA LYS A 202 -7.53 4.19 -30.07
C LYS A 202 -7.43 2.69 -29.79
N LYS A 203 -6.22 2.17 -29.76
CA LYS A 203 -5.99 0.74 -29.53
C LYS A 203 -5.73 0.44 -28.06
N SER A 204 -6.01 1.43 -27.21
CA SER A 204 -5.64 1.42 -25.81
C SER A 204 -6.78 1.96 -24.93
N ILE A 205 -8.01 1.75 -25.41
CA ILE A 205 -9.23 2.13 -24.70
C ILE A 205 -9.69 0.95 -23.87
N ILE A 206 -9.94 1.18 -22.59
CA ILE A 206 -10.47 0.14 -21.71
C ILE A 206 -11.94 -0.13 -22.00
N ASN A 207 -12.27 -1.42 -21.99
CA ASN A 207 -13.60 -1.91 -22.26
C ASN A 207 -14.37 -2.05 -20.95
N ILE A 208 -15.37 -1.19 -20.77
CA ILE A 208 -16.20 -1.23 -19.55
C ILE A 208 -17.48 -2.01 -19.78
N ASP A 209 -17.69 -3.03 -18.95
CA ASP A 209 -18.94 -3.79 -18.97
C ASP A 209 -20.11 -2.85 -18.60
N PRO A 210 -21.07 -2.59 -19.52
CA PRO A 210 -22.10 -1.55 -19.25
C PRO A 210 -23.07 -1.82 -18.08
N GLN A 211 -23.42 -3.09 -17.89
CA GLN A 211 -24.22 -3.54 -16.72
C GLN A 211 -23.54 -3.33 -15.35
N SER A 212 -22.22 -3.09 -15.34
CA SER A 212 -21.47 -2.75 -14.11
C SER A 212 -21.69 -1.31 -13.57
N LEU A 213 -22.41 -0.49 -14.34
CA LEU A 213 -22.90 0.82 -13.87
C LEU A 213 -23.83 0.67 -12.68
N ASP A 216 -22.78 -1.41 -8.37
CA ASP A 216 -21.90 -1.68 -7.22
C ASP A 216 -20.47 -1.17 -7.42
N SER A 217 -19.88 -1.47 -8.58
CA SER A 217 -18.58 -0.91 -9.04
C SER A 217 -18.35 -1.23 -10.53
N LEU A 218 -17.77 -0.30 -11.28
CA LEU A 218 -17.50 -0.51 -12.71
C LEU A 218 -16.40 -1.54 -12.92
N GLU A 219 -16.56 -2.38 -13.94
CA GLU A 219 -15.57 -3.41 -14.28
C GLU A 219 -15.01 -3.13 -15.67
N GLY A 220 -13.69 -2.97 -15.75
CA GLY A 220 -13.00 -2.67 -16.99
C GLY A 220 -11.96 -3.71 -17.30
N ILE A 221 -11.90 -4.11 -18.57
CA ILE A 221 -10.93 -5.09 -19.06
C ILE A 221 -10.14 -4.45 -20.19
N LEU A 222 -8.84 -4.54 -20.12
CA LEU A 222 -7.98 -4.19 -21.24
C LEU A 222 -7.05 -5.36 -21.45
N ASN A 223 -7.07 -5.91 -22.64
CA ASN A 223 -6.21 -7.00 -23.02
C ASN A 223 -4.99 -6.38 -23.68
N LEU A 224 -3.79 -6.68 -23.18
CA LEU A 224 -2.54 -6.18 -23.77
C LEU A 224 -1.63 -7.31 -24.28
N ALA A 225 -0.98 -7.02 -25.40
CA ALA A 225 0.10 -7.84 -25.94
C ALA A 225 1.36 -7.02 -25.89
N ILE A 226 2.35 -7.51 -25.15
CA ILE A 226 3.62 -6.79 -25.00
C ILE A 226 4.79 -7.69 -25.42
N ASN A 227 5.99 -7.13 -25.36
CA ASN A 227 7.22 -7.81 -25.70
C ASN A 227 8.14 -7.81 -24.51
N PRO A 228 8.27 -8.96 -23.81
CA PRO A 228 9.11 -8.99 -22.58
C PRO A 228 10.61 -8.78 -22.79
N LEU A 229 11.09 -8.94 -24.03
CA LEU A 229 12.49 -8.67 -24.36
C LEU A 229 12.70 -7.19 -24.67
N HIS A 230 11.63 -6.48 -25.04
CA HIS A 230 11.73 -5.07 -25.41
C HIS A 230 12.18 -4.29 -24.21
N ARG A 231 13.18 -3.43 -24.38
CA ARG A 231 13.47 -2.40 -23.40
C ARG A 231 12.82 -1.12 -23.90
N SER A 232 11.82 -0.64 -23.17
CA SER A 232 11.15 0.63 -23.51
C SER A 232 12.14 1.78 -23.35
N ASN A 233 11.96 2.84 -24.12
CA ASN A 233 12.74 4.08 -23.94
C ASN A 233 11.79 5.24 -23.59
N LEU A 234 10.60 4.90 -23.11
CA LEU A 234 9.55 5.91 -22.90
C LEU A 234 9.45 6.41 -21.47
N MET A 235 10.41 6.00 -20.63
CA MET A 235 10.52 6.47 -19.26
C MET A 235 10.89 7.96 -19.33
N TRP A 236 10.46 8.74 -18.34
CA TRP A 236 10.68 10.19 -18.32
C TRP A 236 12.15 10.59 -18.30
N ALA A 237 12.97 9.82 -17.60
CA ALA A 237 14.43 10.03 -17.58
C ALA A 237 15.09 8.98 -18.47
N GLU B 33 23.56 -14.90 22.28
CA GLU B 33 23.28 -14.67 20.82
C GLU B 33 21.82 -14.31 20.51
N CYS B 34 20.90 -15.22 20.87
CA CYS B 34 19.45 -15.03 20.74
C CYS B 34 18.78 -15.41 22.01
N SER B 35 17.60 -14.86 22.26
CA SER B 35 16.59 -15.56 23.06
C SER B 35 15.29 -15.48 22.29
N LEU B 36 14.51 -16.54 22.37
CA LEU B 36 13.22 -16.61 21.69
C LEU B 36 12.35 -15.43 22.10
N SER B 37 12.00 -14.60 21.13
CA SER B 37 11.12 -13.46 21.38
C SER B 37 9.75 -13.96 21.84
N PRO B 38 9.08 -13.19 22.68
CA PRO B 38 7.79 -13.64 23.16
C PRO B 38 6.72 -13.48 22.11
N GLU B 39 5.69 -14.30 22.19
CA GLU B 39 4.48 -14.13 21.42
C GLU B 39 3.41 -13.39 22.23
N VAL B 40 2.51 -12.72 21.55
CA VAL B 40 1.45 -11.93 22.16
C VAL B 40 0.23 -12.11 21.30
N GLY B 41 -0.94 -12.14 21.91
CA GLY B 41 -2.20 -12.39 21.20
C GLY B 41 -2.40 -11.42 20.05
N GLU B 42 -2.98 -11.92 18.96
CA GLU B 42 -3.19 -11.12 17.75
C GLU B 42 -4.13 -9.94 17.94
N GLY B 43 -5.06 -10.11 18.87
CA GLY B 43 -6.21 -9.26 18.97
C GLY B 43 -7.15 -9.52 17.80
N PRO B 44 -8.25 -8.78 17.75
CA PRO B 44 -9.31 -9.02 16.78
C PRO B 44 -9.17 -8.32 15.40
N TYR B 45 -8.15 -7.50 15.17
CA TYR B 45 -8.16 -6.62 14.00
C TYR B 45 -7.16 -6.93 12.89
N PHE B 46 -6.64 -8.15 12.86
CA PHE B 46 -5.81 -8.57 11.75
C PHE B 46 -6.65 -8.67 10.50
N ILE B 47 -6.07 -8.23 9.38
CA ILE B 47 -6.69 -8.35 8.05
C ILE B 47 -5.64 -8.96 7.17
N GLU B 48 -5.94 -10.18 6.72
CA GLU B 48 -4.99 -10.97 6.00
C GLU B 48 -5.05 -10.60 4.53
N GLU B 49 -4.28 -9.57 4.18
CA GLU B 49 -4.16 -9.09 2.80
C GLU B 49 -2.73 -8.70 2.53
N ASP B 50 -2.25 -9.03 1.34
CA ASP B 50 -0.97 -8.58 0.84
C ASP B 50 -1.12 -7.12 0.42
N ILE B 51 -0.61 -6.25 1.28
CA ILE B 51 -0.45 -4.84 0.99
C ILE B 51 1.00 -4.61 1.25
N ILE B 52 1.78 -4.92 0.23
CA ILE B 52 3.21 -5.00 0.37
C ILE B 52 3.78 -3.65 0.06
N ARG B 53 4.14 -2.93 1.11
CA ARG B 53 4.62 -1.55 1.02
C ARG B 53 5.34 -1.20 2.29
N SER B 54 6.27 -0.27 2.18
CA SER B 54 6.98 0.19 3.33
C SER B 54 6.27 1.33 4.04
N ASN B 55 5.73 2.29 3.29
CA ASN B 55 5.01 3.41 3.93
C ASN B 55 3.54 3.09 4.06
N ILE B 56 3.03 3.04 5.30
CA ILE B 56 1.67 2.58 5.59
C ILE B 56 0.78 3.72 6.11
N VAL B 57 1.28 4.95 6.05
CA VAL B 57 0.63 6.11 6.71
C VAL B 57 -0.67 6.53 6.05
N GLU B 58 -0.68 6.60 4.71
CA GLU B 58 -1.82 7.09 3.97
C GLU B 58 -2.17 8.51 4.45
N ASP B 59 -3.41 8.74 4.87
CA ASP B 59 -3.89 10.04 5.33
C ASP B 59 -3.81 10.26 6.85
N ARG B 60 -3.22 9.35 7.58
CA ARG B 60 -3.21 9.45 9.03
C ARG B 60 -2.22 10.49 9.49
N ILE B 61 -2.55 11.07 10.64
CA ILE B 61 -1.81 12.15 11.24
C ILE B 61 -1.08 11.62 12.46
N GLY B 62 0.16 12.03 12.64
CA GLY B 62 0.91 11.66 13.81
C GLY B 62 2.35 12.04 13.69
N ILE B 63 3.18 11.41 14.49
CA ILE B 63 4.63 11.63 14.42
C ILE B 63 5.24 10.42 13.75
N ARG B 64 6.08 10.71 12.77
CA ARG B 64 6.67 9.68 11.94
C ARG B 64 7.57 8.76 12.75
N LEU B 65 7.40 7.46 12.54
CA LEU B 65 8.22 6.44 13.16
C LEU B 65 8.63 5.45 12.11
N ASN B 66 9.93 5.23 11.97
CA ASN B 66 10.47 4.14 11.16
C ASN B 66 10.75 2.92 12.03
N VAL B 67 10.10 1.81 11.69
CA VAL B 67 10.22 0.57 12.43
C VAL B 67 11.08 -0.40 11.62
N THR B 68 12.25 -0.75 12.14
CA THR B 68 13.10 -1.76 11.53
C THR B 68 13.06 -2.98 12.43
N LEU B 69 12.69 -4.13 11.85
CA LEU B 69 12.70 -5.41 12.53
C LEU B 69 13.74 -6.30 11.91
N ASN B 70 14.59 -6.91 12.74
CA ASN B 70 15.61 -7.84 12.28
C ASN B 70 15.24 -9.23 12.81
N LEU B 71 14.92 -10.17 11.93
CA LEU B 71 14.51 -11.53 12.30
C LEU B 71 15.69 -12.48 12.18
N VAL B 72 15.89 -13.27 13.24
CA VAL B 72 16.79 -14.42 13.21
C VAL B 72 16.04 -15.70 13.61
N ASP B 73 16.52 -16.84 13.12
CA ASP B 73 16.05 -18.14 13.60
C ASP B 73 16.60 -18.35 15.01
N PHE B 74 15.70 -18.64 15.94
CA PHE B 74 15.99 -18.95 17.36
C PHE B 74 17.06 -20.01 17.52
N ASN B 75 16.96 -21.04 16.68
CA ASN B 75 17.78 -22.24 16.78
C ASN B 75 19.23 -21.95 16.40
N THR B 76 19.42 -21.24 15.28
CA THR B 76 20.75 -20.95 14.73
C THR B 76 21.26 -19.53 14.96
N CYS B 77 20.39 -18.61 15.34
CA CYS B 77 20.68 -17.16 15.35
C CYS B 77 21.02 -16.54 13.97
N LYS B 78 20.82 -17.29 12.89
CA LYS B 78 21.08 -16.80 11.53
C LYS B 78 19.85 -16.03 11.05
N PRO B 79 20.02 -15.02 10.20
CA PRO B 79 18.84 -14.28 9.72
C PRO B 79 17.89 -15.15 8.90
N ILE B 80 16.60 -14.84 8.96
CA ILE B 80 15.59 -15.55 8.21
C ILE B 80 15.21 -14.69 7.01
N LYS B 81 15.30 -15.28 5.84
CA LYS B 81 15.04 -14.64 4.58
C LYS B 81 13.68 -15.13 4.06
N GLY B 82 12.98 -14.24 3.32
CA GLY B 82 11.70 -14.61 2.69
C GLY B 82 10.45 -14.62 3.56
N ALA B 83 10.58 -14.28 4.85
CA ALA B 83 9.45 -14.27 5.75
C ALA B 83 8.59 -13.01 5.48
N LYS B 84 7.27 -13.21 5.36
CA LYS B 84 6.34 -12.10 5.23
C LYS B 84 6.06 -11.55 6.64
N VAL B 85 6.34 -10.27 6.84
CA VAL B 85 6.02 -9.61 8.10
C VAL B 85 4.89 -8.65 7.88
N TYR B 86 3.80 -8.85 8.59
CA TYR B 86 2.70 -7.92 8.60
C TYR B 86 2.74 -7.07 9.87
N ILE B 87 2.48 -5.78 9.76
CA ILE B 87 2.14 -4.97 10.92
C ILE B 87 0.81 -4.28 10.72
N TRP B 88 0.18 -3.98 11.84
CA TRP B 88 -1.01 -3.16 11.87
C TRP B 88 -1.11 -2.49 13.21
N GLN B 89 -1.74 -1.31 13.20
CA GLN B 89 -1.77 -0.49 14.39
C GLN B 89 -2.93 0.53 14.28
N PRO B 90 -3.33 1.11 15.40
CA PRO B 90 -4.34 2.17 15.30
C PRO B 90 -3.77 3.53 15.07
N ASP B 91 -4.58 4.44 14.52
CA ASP B 91 -4.18 5.84 14.36
C ASP B 91 -4.12 6.55 15.75
N TYR B 92 -3.74 7.82 15.74
CA TYR B 92 -3.56 8.59 16.98
C TYR B 92 -4.76 8.57 17.95
N SER B 93 -5.98 8.45 17.45
CA SER B 93 -7.16 8.41 18.29
C SER B 93 -7.67 6.99 18.56
N GLY B 94 -6.88 5.99 18.21
CA GLY B 94 -7.21 4.59 18.49
C GLY B 94 -8.10 3.86 17.48
N ILE B 95 -8.18 4.33 16.24
CA ILE B 95 -9.01 3.70 15.23
C ILE B 95 -8.15 2.76 14.35
N TYR B 96 -8.67 1.58 14.10
CA TYR B 96 -8.09 0.62 13.20
C TYR B 96 -8.83 0.69 11.87
N SER B 97 -8.07 0.75 10.79
CA SER B 97 -8.62 0.72 9.42
C SER B 97 -9.30 -0.61 9.21
N GLY B 98 -10.44 -0.57 8.56
CA GLY B 98 -11.31 -1.74 8.45
C GLY B 98 -12.35 -1.88 9.55
N PHE B 99 -12.07 -1.28 10.72
CA PHE B 99 -12.95 -1.34 11.87
C PHE B 99 -13.17 0.08 12.39
N MET B 100 -13.49 0.99 11.47
CA MET B 100 -13.55 2.42 11.83
C MET B 100 -14.67 2.78 12.82
N ASP B 101 -15.75 2.00 12.85
CA ASP B 101 -16.79 2.13 13.89
C ASP B 101 -16.37 1.43 15.18
N LYS B 102 -16.16 2.22 16.25
CA LYS B 102 -15.63 1.70 17.52
C LYS B 102 -16.37 0.48 18.15
N PRO B 103 -17.72 0.50 18.14
CA PRO B 103 -18.50 -0.58 18.76
C PRO B 103 -18.62 -1.84 17.89
N ARG B 104 -19.46 -2.77 18.34
CA ARG B 104 -19.76 -4.04 17.67
C ARG B 104 -18.54 -4.95 17.53
N VAL B 105 -17.72 -4.98 18.59
CA VAL B 105 -16.53 -5.82 18.66
C VAL B 105 -16.84 -7.18 19.29
N LYS B 106 -15.79 -8.02 19.32
CA LYS B 106 -15.69 -9.31 20.08
C LYS B 106 -16.31 -10.62 19.52
N ARG B 107 -16.85 -10.59 18.32
CA ARG B 107 -17.36 -11.82 17.70
C ARG B 107 -16.22 -12.81 17.42
N GLU B 108 -16.55 -14.09 17.50
CA GLU B 108 -15.60 -15.17 17.16
C GLU B 108 -14.93 -14.97 15.79
N LYS B 109 -15.72 -14.66 14.77
CA LYS B 109 -15.17 -14.31 13.43
C LYS B 109 -15.35 -12.83 13.11
N MET B 110 -14.24 -12.08 13.09
CA MET B 110 -14.28 -10.63 12.89
C MET B 110 -14.12 -10.30 11.43
N TYR B 111 -15.06 -9.52 10.88
CA TYR B 111 -15.00 -9.07 9.49
C TYR B 111 -15.00 -7.55 9.39
N PRO B 112 -14.03 -6.97 8.64
CA PRO B 112 -13.95 -5.52 8.44
C PRO B 112 -15.16 -5.00 7.67
N LYS B 113 -15.62 -3.80 7.98
CA LYS B 113 -16.79 -3.22 7.28
C LYS B 113 -16.36 -2.21 6.23
N ASP B 114 -15.39 -1.38 6.57
CA ASP B 114 -14.88 -0.37 5.64
C ASP B 114 -13.66 -0.88 4.84
N PRO B 115 -13.43 -0.32 3.66
CA PRO B 115 -12.30 -0.80 2.84
C PRO B 115 -10.98 -0.11 3.12
N ARG B 116 -10.92 0.80 4.09
CA ARG B 116 -9.65 1.46 4.41
C ARG B 116 -8.65 0.50 4.99
N ARG B 117 -7.40 0.77 4.68
CA ARG B 117 -6.29 -0.09 5.09
C ARG B 117 -5.09 0.73 5.53
N PHE B 118 -5.32 1.97 5.95
CA PHE B 118 -4.25 2.74 6.52
C PHE B 118 -3.65 2.01 7.70
N LEU B 119 -2.36 2.29 7.89
CA LEU B 119 -1.59 1.75 8.96
C LEU B 119 -1.53 0.23 8.99
N ARG B 120 -1.58 -0.39 7.81
CA ARG B 120 -1.39 -1.79 7.65
C ARG B 120 -0.39 -1.98 6.55
N GLY B 121 0.54 -2.90 6.72
CA GLY B 121 1.36 -3.30 5.57
C GLY B 121 2.15 -4.56 5.84
N THR B 122 2.73 -5.05 4.76
CA THR B 122 3.51 -6.27 4.75
C THR B 122 4.85 -5.97 4.11
N GLN B 123 5.93 -6.53 4.65
CA GLN B 123 7.23 -6.52 3.94
C GLN B 123 7.91 -7.92 4.09
N VAL B 124 8.67 -8.29 3.09
CA VAL B 124 9.34 -9.58 3.01
C VAL B 124 10.74 -9.32 3.47
N THR B 125 11.24 -10.15 4.40
CA THR B 125 12.62 -10.04 4.90
C THR B 125 13.62 -10.23 3.76
N ASN B 126 14.72 -9.48 3.82
CA ASN B 126 15.82 -9.54 2.85
C ASN B 126 16.86 -10.61 3.29
N GLU B 127 18.04 -10.63 2.64
CA GLU B 127 19.11 -11.58 2.98
C GLU B 127 19.47 -11.47 4.45
N ASN B 128 19.49 -10.23 4.92
CA ASN B 128 19.87 -9.90 6.29
C ASN B 128 18.77 -10.11 7.35
N GLY B 129 17.62 -10.65 6.98
CA GLY B 129 16.49 -10.85 7.93
C GLY B 129 15.76 -9.58 8.36
N THR B 130 15.86 -8.54 7.55
CA THR B 130 15.40 -7.18 7.90
C THR B 130 14.21 -6.74 7.02
N VAL B 131 13.24 -6.08 7.66
CA VAL B 131 12.22 -5.23 7.00
C VAL B 131 12.17 -3.87 7.69
N THR B 132 11.73 -2.84 6.96
CA THR B 132 11.56 -1.51 7.51
C THR B 132 10.21 -0.99 7.08
N PHE B 133 9.47 -0.44 8.06
CA PHE B 133 8.21 0.21 7.78
C PHE B 133 8.30 1.69 8.13
N GLU B 134 7.63 2.51 7.33
CA GLU B 134 7.47 3.95 7.64
C GLU B 134 6.06 4.08 8.14
N THR B 135 5.93 4.33 9.44
CA THR B 135 4.65 4.39 10.07
C THR B 135 4.56 5.61 10.97
N LEU B 136 3.61 5.59 11.89
CA LEU B 136 3.48 6.68 12.86
C LEU B 136 3.53 6.08 14.25
N PHE B 137 3.90 6.87 15.24
CA PHE B 137 3.71 6.45 16.61
C PHE B 137 2.19 6.17 16.84
N PRO B 138 1.86 4.97 17.36
CA PRO B 138 0.46 4.56 17.47
C PRO B 138 -0.26 5.29 18.58
N GLY B 139 -1.56 5.46 18.39
CA GLY B 139 -2.42 5.95 19.45
C GLY B 139 -2.78 4.80 20.36
N HIS B 140 -3.65 5.09 21.32
CA HIS B 140 -4.14 4.05 22.23
C HIS B 140 -5.66 4.03 22.32
N TYR B 141 -6.22 2.82 22.31
N TYR B 141 -6.18 2.80 22.38
CA TYR B 141 -7.64 2.69 22.58
CA TYR B 141 -7.57 2.42 22.59
C TYR B 141 -7.80 2.51 24.09
C TYR B 141 -7.79 2.49 24.13
N PRO B 142 -9.03 2.76 24.60
CA PRO B 142 -9.28 2.72 26.02
C PRO B 142 -8.97 1.31 26.54
N GLY B 143 -8.14 1.25 27.57
CA GLY B 143 -7.77 -0.01 28.15
C GLY B 143 -6.58 -0.67 27.50
N ARG B 144 -5.85 0.08 26.64
CA ARG B 144 -4.62 -0.49 26.08
C ARG B 144 -3.47 0.51 26.04
N THR B 145 -2.29 0.01 26.31
CA THR B 145 -1.09 0.77 26.13
C THR B 145 -0.78 0.85 24.60
N PRO B 146 -0.08 1.92 24.17
CA PRO B 146 0.27 2.00 22.76
C PRO B 146 1.10 0.85 22.25
N HIS B 147 0.77 0.34 21.08
CA HIS B 147 1.48 -0.78 20.52
C HIS B 147 1.25 -0.92 19.05
N ILE B 148 2.12 -1.71 18.43
CA ILE B 148 1.99 -2.10 17.06
C ILE B 148 1.98 -3.60 17.02
N HIS B 149 1.00 -4.17 16.34
CA HIS B 149 0.96 -5.59 16.15
C HIS B 149 1.82 -6.03 14.98
N TYR B 150 2.20 -7.30 15.02
CA TYR B 150 2.96 -7.92 13.94
C TYR B 150 2.68 -9.41 13.89
N ARG B 151 2.71 -9.93 12.68
CA ARG B 151 2.49 -11.33 12.44
C ARG B 151 3.41 -11.76 11.32
N ILE B 152 4.07 -12.90 11.51
CA ILE B 152 5.09 -13.39 10.57
C ILE B 152 4.74 -14.73 9.98
N HIS B 153 4.78 -14.80 8.65
CA HIS B 153 4.55 -16.02 7.92
C HIS B 153 5.87 -16.45 7.36
N ALA B 154 6.25 -17.70 7.63
CA ALA B 154 7.47 -18.30 7.10
C ALA B 154 7.08 -19.68 6.61
N ASN B 155 7.48 -19.98 5.39
CA ASN B 155 7.19 -21.22 4.68
C ASN B 155 5.72 -21.70 4.74
N GLY B 156 4.81 -20.75 4.58
CA GLY B 156 3.38 -21.07 4.60
C GLY B 156 2.80 -21.30 5.99
N ASN B 157 3.57 -21.04 7.05
CA ASN B 157 3.09 -21.20 8.41
C ASN B 157 3.10 -19.86 9.12
N VAL B 158 2.08 -19.68 9.97
CA VAL B 158 2.00 -18.52 10.83
C VAL B 158 2.99 -18.83 11.96
N ALA B 159 4.19 -18.27 11.83
CA ALA B 159 5.30 -18.65 12.67
C ALA B 159 5.33 -17.94 14.02
N HIS B 160 4.85 -16.71 14.03
CA HIS B 160 4.99 -15.86 15.23
C HIS B 160 4.06 -14.67 15.13
N ILE B 161 3.37 -14.42 16.22
CA ILE B 161 2.48 -13.27 16.34
C ILE B 161 2.90 -12.55 17.61
N GLY B 162 2.98 -11.24 17.52
CA GLY B 162 3.36 -10.44 18.67
C GLY B 162 2.87 -9.03 18.61
N GLN B 163 3.40 -8.26 19.55
CA GLN B 163 3.12 -6.86 19.71
C GLN B 163 4.41 -6.17 20.10
N ILE B 164 4.60 -4.99 19.53
CA ILE B 164 5.71 -4.10 19.79
C ILE B 164 5.23 -3.05 20.80
N PHE B 165 5.99 -2.89 21.87
CA PHE B 165 5.73 -1.91 22.90
C PHE B 165 6.78 -0.81 22.91
N PHE B 166 6.49 0.26 23.64
CA PHE B 166 7.35 1.45 23.72
C PHE B 166 7.82 1.74 25.13
N ASP B 167 9.04 2.26 25.21
CA ASP B 167 9.58 2.67 26.51
C ASP B 167 8.77 3.87 27.02
N GLU B 168 8.60 3.90 28.34
CA GLU B 168 7.77 4.85 29.04
C GLU B 168 8.19 6.28 28.79
N SER B 169 9.51 6.50 28.75
CA SER B 169 10.08 7.83 28.56
C SER B 169 9.70 8.39 27.20
N THR B 170 9.86 7.58 26.15
CA THR B 170 9.53 7.97 24.80
C THR B 170 8.04 8.24 24.66
N SER B 171 7.22 7.30 25.12
CA SER B 171 5.78 7.47 25.11
C SER B 171 5.37 8.78 25.76
N GLN B 172 5.99 9.13 26.89
CA GLN B 172 5.67 10.39 27.57
C GLN B 172 6.00 11.61 26.71
N VAL B 173 7.15 11.57 26.05
CA VAL B 173 7.57 12.66 25.18
C VAL B 173 6.58 12.82 24.02
N ILE B 174 6.27 11.72 23.38
CA ILE B 174 5.39 11.73 22.22
C ILE B 174 3.96 12.17 22.58
N GLN B 175 3.46 11.77 23.75
CA GLN B 175 2.09 12.10 24.13
C GLN B 175 1.94 13.58 24.49
N SER B 176 3.05 14.26 24.77
CA SER B 176 3.01 15.72 24.92
C SER B 176 3.01 16.51 23.60
N LYS B 177 3.12 15.83 22.46
CA LYS B 177 3.12 16.51 21.14
C LYS B 177 1.85 16.26 20.32
N SER B 178 1.62 17.16 19.39
CA SER B 178 0.46 17.11 18.51
C SER B 178 0.61 15.91 17.57
N PRO B 179 -0.47 15.24 17.24
CA PRO B 179 -1.83 15.41 17.74
C PRO B 179 -2.15 14.57 19.00
N TYR B 180 -1.17 13.89 19.57
CA TYR B 180 -1.40 12.94 20.66
C TYR B 180 -1.90 13.72 21.89
N ASN B 181 -1.46 14.98 22.03
CA ASN B 181 -1.82 15.83 23.13
C ASN B 181 -3.21 16.43 23.10
N GLN B 182 -3.96 16.12 22.05
CA GLN B 182 -5.37 16.48 21.94
C GLN B 182 -6.23 15.21 22.08
N VAL B 183 -5.61 14.13 22.52
CA VAL B 183 -6.30 12.94 22.98
C VAL B 183 -6.22 13.04 24.50
N HIS B 184 -7.40 13.11 25.10
CA HIS B 184 -7.51 13.48 26.52
C HIS B 184 -7.83 12.34 27.47
N SER B 185 -8.13 11.17 26.92
CA SER B 185 -8.29 9.94 27.70
C SER B 185 -6.97 9.53 28.38
N ARG B 186 -7.13 8.72 29.42
CA ARG B 186 -5.99 8.38 30.27
C ARG B 186 -5.11 7.44 29.48
N ARG B 187 -3.83 7.77 29.37
CA ARG B 187 -2.85 6.84 28.76
C ARG B 187 -2.49 5.71 29.75
N MET B 188 -2.95 4.51 29.42
CA MET B 188 -2.64 3.30 30.15
C MET B 188 -1.16 2.99 29.97
N LYS B 189 -0.46 2.85 31.10
CA LYS B 189 0.96 2.45 31.10
C LYS B 189 1.09 0.98 30.77
N ASN B 190 2.27 0.63 30.26
CA ASN B 190 2.64 -0.75 29.99
C ASN B 190 2.31 -1.71 31.11
N GLU B 191 2.64 -1.37 32.35
CA GLU B 191 2.43 -2.31 33.47
C GLU B 191 0.96 -2.41 33.93
N GLU B 192 0.11 -1.51 33.43
CA GLU B 192 -1.34 -1.61 33.60
C GLU B 192 -2.02 -2.46 32.52
N ASP B 193 -1.28 -2.76 31.46
CA ASP B 193 -1.80 -3.45 30.29
C ASP B 193 -1.80 -4.98 30.45
N GLY B 194 -2.97 -5.58 30.28
CA GLY B 194 -3.15 -7.03 30.43
C GLY B 194 -2.21 -7.81 29.53
N GLU B 195 -2.17 -7.44 28.24
CA GLU B 195 -1.34 -8.14 27.27
C GLU B 195 0.16 -8.00 27.57
N PHE B 196 0.61 -6.79 27.89
CA PHE B 196 2.02 -6.56 28.23
C PHE B 196 2.44 -7.44 29.42
N THR B 197 1.60 -7.41 30.43
CA THR B 197 1.82 -8.17 31.66
C THR B 197 1.78 -9.68 31.41
N TYR B 198 0.68 -10.17 30.84
CA TYR B 198 0.50 -11.61 30.66
C TYR B 198 1.54 -12.22 29.71
N PHE B 199 1.89 -11.52 28.63
CA PHE B 199 2.76 -12.09 27.60
C PHE B 199 4.21 -11.56 27.56
N ASN B 200 4.72 -11.06 28.66
CA ASN B 200 6.06 -10.45 28.80
C ASN B 200 6.51 -9.48 27.70
N GLY B 201 5.66 -8.47 27.58
CA GLY B 201 5.93 -7.27 26.82
C GLY B 201 7.28 -6.63 27.04
N LYS B 202 7.84 -6.78 28.24
CA LYS B 202 9.20 -6.30 28.58
C LYS B 202 10.29 -6.70 27.60
N LYS B 203 10.15 -7.88 26.98
CA LYS B 203 11.15 -8.36 26.03
C LYS B 203 10.84 -7.97 24.60
N SER B 204 9.86 -7.10 24.44
CA SER B 204 9.25 -6.78 23.15
C SER B 204 9.02 -5.24 23.03
N ILE B 205 9.89 -4.49 23.70
CA ILE B 205 9.91 -3.05 23.66
C ILE B 205 10.85 -2.65 22.56
N ILE B 206 10.40 -1.77 21.66
CA ILE B 206 11.23 -1.29 20.57
C ILE B 206 12.23 -0.27 21.09
N ASN B 207 13.45 -0.38 20.55
CA ASN B 207 14.52 0.53 20.89
C ASN B 207 14.50 1.73 19.96
N ILE B 208 14.15 2.88 20.52
CA ILE B 208 14.13 4.14 19.80
C ILE B 208 15.40 4.91 20.04
N ASP B 209 16.11 5.20 18.95
CA ASP B 209 17.30 6.04 19.00
C ASP B 209 16.89 7.46 19.50
N PRO B 210 17.39 7.89 20.68
CA PRO B 210 16.90 9.17 21.28
C PRO B 210 17.21 10.45 20.48
N GLN B 211 18.37 10.48 19.80
CA GLN B 211 18.70 11.57 18.85
C GLN B 211 17.74 11.72 17.63
N SER B 212 16.95 10.68 17.36
CA SER B 212 15.93 10.70 16.29
C SER B 212 14.64 11.49 16.63
N LEU B 213 14.52 11.94 17.89
CA LEU B 213 13.48 12.90 18.31
C LEU B 213 13.43 14.19 17.44
N SER B 214 14.50 14.46 16.68
CA SER B 214 14.44 15.27 15.44
C SER B 214 15.67 15.03 14.57
N SER B 217 12.31 12.05 11.58
CA SER B 217 11.52 10.90 11.96
C SER B 217 12.18 10.09 13.09
N LEU B 218 11.38 9.50 13.98
CA LEU B 218 11.88 8.54 14.98
C LEU B 218 12.34 7.25 14.29
N GLU B 219 13.42 6.69 14.81
CA GLU B 219 13.99 5.45 14.28
C GLU B 219 13.97 4.38 15.36
N GLY B 220 13.31 3.27 15.07
CA GLY B 220 13.14 2.20 16.03
C GLY B 220 13.64 0.90 15.46
N ILE B 221 14.37 0.15 16.30
CA ILE B 221 14.89 -1.16 15.93
C ILE B 221 14.39 -2.15 16.96
N LEU B 222 13.83 -3.25 16.49
CA LEU B 222 13.52 -4.37 17.35
C LEU B 222 14.14 -5.58 16.69
N ASN B 223 15.00 -6.25 17.43
CA ASN B 223 15.63 -7.47 16.99
C ASN B 223 14.76 -8.61 17.49
N LEU B 224 14.29 -9.48 16.59
CA LEU B 224 13.47 -10.64 16.97
C LEU B 224 14.16 -11.97 16.62
N ALA B 225 14.00 -12.93 17.54
CA ALA B 225 14.34 -14.31 17.33
C ALA B 225 13.04 -15.09 17.36
N ILE B 226 12.73 -15.77 16.25
CA ILE B 226 11.52 -16.58 16.16
C ILE B 226 11.87 -18.04 15.85
N ASN B 227 10.83 -18.89 15.77
CA ASN B 227 10.94 -20.25 15.37
C ASN B 227 10.12 -20.46 14.10
N PRO B 228 10.80 -20.56 12.92
CA PRO B 228 10.05 -20.67 11.66
C PRO B 228 9.23 -21.95 11.46
N LEU B 229 9.52 -22.99 12.23
CA LEU B 229 8.76 -24.24 12.20
C LEU B 229 7.54 -24.15 13.11
N HIS B 230 7.59 -23.24 14.09
CA HIS B 230 6.50 -23.12 15.06
C HIS B 230 5.24 -22.71 14.32
N ARG B 231 4.13 -23.37 14.63
CA ARG B 231 2.83 -22.86 14.25
C ARG B 231 2.26 -22.17 15.47
N SER B 232 2.09 -20.84 15.38
CA SER B 232 1.49 -20.04 16.45
C SER B 232 0.06 -20.48 16.69
N ASN B 233 -0.44 -20.35 17.92
CA ASN B 233 -1.87 -20.56 18.18
C ASN B 233 -2.52 -19.25 18.66
N LEU B 234 -1.85 -18.13 18.41
CA LEU B 234 -2.29 -16.84 18.90
C LEU B 234 -3.07 -16.02 17.90
N MET B 235 -3.44 -16.61 16.77
CA MET B 235 -4.34 -15.92 15.81
C MET B 235 -5.72 -15.83 16.45
N TRP B 236 -6.47 -14.80 16.13
CA TRP B 236 -7.85 -14.66 16.55
C TRP B 236 -8.73 -15.64 15.86
N ALA B 237 -8.48 -15.81 14.56
CA ALA B 237 -9.08 -16.84 13.71
C ALA B 237 -8.17 -18.07 13.62
FE FE C . -0.86 11.66 -16.41
FE FE D . -4.01 -3.55 19.12
#